data_6KU5
#
_entry.id   6KU5
#
_cell.length_a   85.544
_cell.length_b   85.544
_cell.length_c   148.598
_cell.angle_alpha   90.000
_cell.angle_beta   90.000
_cell.angle_gamma   120.000
#
_symmetry.space_group_name_H-M   'P 3 2 1'
#
_entity_poly.entity_id   1
_entity_poly.type   'polypeptide(L)'
_entity_poly.pdbx_seq_one_letter_code
;SAAEALREHLGTLEEKMKRHSGLLDIHATQLRTHSEHLQELEATSNDGKLIWKIEDFRNKRESEVKGHPPCLSSVPFHTG
PCGYKMASKVYLNGDGEGRGTHLSLYVVLMVGDFDALLPWPFRQTVALSVLDQSGAGNHQSLSFKPDLTSKSFQRPTDEK
AGNVAVGFSCFIPLIKLEEPQNATYVKEDTMFVKVKVDMVGLEQLLE
;
_entity_poly.pdbx_strand_id   A,B
#
# COMPACT_ATOMS: atom_id res chain seq x y z
N GLU A 4 -20.12 11.24 77.24
CA GLU A 4 -18.90 11.20 76.36
C GLU A 4 -18.56 9.75 76.00
N ALA A 5 -19.11 8.77 76.72
CA ALA A 5 -18.99 7.34 76.37
C ALA A 5 -19.56 7.12 74.97
N LEU A 6 -20.82 7.52 74.79
CA LEU A 6 -21.52 7.48 73.48
C LEU A 6 -20.84 8.46 72.51
N ARG A 7 -20.50 9.67 72.99
CA ARG A 7 -19.89 10.73 72.16
C ARG A 7 -18.61 10.21 71.48
N GLU A 8 -17.72 9.58 72.25
CA GLU A 8 -16.50 8.95 71.68
C GLU A 8 -16.92 7.95 70.62
N HIS A 9 -17.95 7.14 70.90
CA HIS A 9 -18.43 6.09 69.97
C HIS A 9 -19.16 6.71 68.78
N LEU A 10 -19.75 7.90 68.97
CA LEU A 10 -20.41 8.68 67.89
C LEU A 10 -19.36 9.38 67.00
N GLY A 11 -18.34 9.97 67.60
CA GLY A 11 -17.22 10.54 66.83
C GLY A 11 -16.56 9.46 65.99
N THR A 12 -16.41 8.26 66.58
CA THR A 12 -15.84 7.07 65.91
C THR A 12 -16.68 6.69 64.69
N LEU A 13 -18.01 6.66 64.84
CA LEU A 13 -18.91 6.32 63.70
C LEU A 13 -18.67 7.33 62.56
N GLU A 14 -18.66 8.62 62.88
CA GLU A 14 -18.49 9.70 61.86
C GLU A 14 -17.16 9.51 61.11
N GLU A 15 -16.07 9.23 61.82
CA GLU A 15 -14.75 9.04 61.17
C GLU A 15 -14.84 7.76 60.33
N LYS A 16 -15.52 6.72 60.82
CA LYS A 16 -15.75 5.46 60.04
C LYS A 16 -16.55 5.77 58.78
N MET A 17 -17.57 6.61 58.93
CA MET A 17 -18.41 6.99 57.78
C MET A 17 -17.53 7.62 56.71
N LYS A 18 -16.73 8.62 57.09
CA LYS A 18 -15.88 9.38 56.13
C LYS A 18 -14.99 8.40 55.36
N ARG A 19 -14.42 7.40 56.06
CA ARG A 19 -13.55 6.38 55.44
C ARG A 19 -14.32 5.70 54.31
N HIS A 20 -15.56 5.30 54.57
CA HIS A 20 -16.43 4.68 53.54
C HIS A 20 -16.49 5.60 52.33
N SER A 21 -16.74 6.89 52.56
CA SER A 21 -16.86 7.88 51.46
C SER A 21 -15.55 7.96 50.67
N GLY A 22 -14.40 7.81 51.31
CA GLY A 22 -13.10 7.83 50.59
C GLY A 22 -12.99 6.65 49.65
N LEU A 23 -13.38 5.47 50.11
CA LEU A 23 -13.29 4.21 49.31
C LEU A 23 -14.15 4.28 48.06
N LEU A 24 -15.34 4.86 48.17
CA LEU A 24 -16.25 4.98 47.01
C LEU A 24 -15.59 5.84 45.92
N ASP A 25 -14.96 6.96 46.28
CA ASP A 25 -14.26 7.81 45.27
C ASP A 25 -13.11 7.01 44.66
N ILE A 26 -12.35 6.30 45.49
CA ILE A 26 -11.21 5.45 45.04
C ILE A 26 -11.74 4.34 44.14
N HIS A 27 -12.79 3.65 44.57
CA HIS A 27 -13.44 2.58 43.77
C HIS A 27 -13.97 3.16 42.45
N ALA A 28 -14.58 4.34 42.51
CA ALA A 28 -15.17 4.98 41.32
C ALA A 28 -14.07 5.21 40.29
N THR A 29 -12.95 5.80 40.69
CA THR A 29 -11.83 6.09 39.76
C THR A 29 -11.38 4.79 39.12
N GLN A 30 -11.20 3.75 39.94
CA GLN A 30 -10.74 2.42 39.48
C GLN A 30 -11.74 1.81 38.50
N LEU A 31 -13.04 2.00 38.74
CA LEU A 31 -14.08 1.55 37.78
C LEU A 31 -13.89 2.32 36.48
N ARG A 32 -13.72 3.64 36.58
CA ARG A 32 -13.60 4.50 35.38
C ARG A 32 -12.39 4.05 34.58
N THR A 33 -11.25 3.84 35.25
CA THR A 33 -10.01 3.41 34.54
C THR A 33 -10.27 2.03 33.92
N HIS A 34 -10.95 1.14 34.62
CA HIS A 34 -11.29 -0.20 34.09
C HIS A 34 -12.08 -0.04 32.80
N SER A 35 -13.12 0.80 32.79
CA SER A 35 -13.98 1.02 31.61
C SER A 35 -13.15 1.52 30.42
N GLU A 36 -12.23 2.46 30.66
CA GLU A 36 -11.32 2.98 29.60
C GLU A 36 -10.48 1.82 29.05
N HIS A 37 -9.95 0.97 29.92
CA HIS A 37 -9.11 -0.18 29.49
C HIS A 37 -9.96 -1.18 28.69
N LEU A 38 -11.20 -1.41 29.11
CA LEU A 38 -12.09 -2.37 28.42
C LEU A 38 -12.33 -1.90 26.99
N GLN A 39 -12.65 -0.63 26.80
CA GLN A 39 -12.93 -0.08 25.45
C GLN A 39 -11.69 -0.28 24.59
N GLU A 40 -10.52 0.07 25.11
CA GLU A 40 -9.24 -0.09 24.37
C GLU A 40 -9.15 -1.54 23.89
N LEU A 41 -9.39 -2.53 24.75
CA LEU A 41 -9.30 -3.95 24.32
C LEU A 41 -10.32 -4.25 23.22
N GLU A 42 -11.57 -3.79 23.38
CA GLU A 42 -12.69 -4.12 22.45
C GLU A 42 -12.46 -3.47 21.08
N ALA A 43 -12.11 -2.19 21.05
CA ALA A 43 -12.06 -1.38 19.80
C ALA A 43 -10.84 -1.73 18.94
N THR A 44 -9.67 -1.88 19.55
CA THR A 44 -8.36 -1.90 18.82
C THR A 44 -8.16 -3.19 18.03
N SER A 45 -7.12 -3.15 17.20
CA SER A 45 -6.60 -4.30 16.42
C SER A 45 -5.08 -4.27 16.57
N ASN A 46 -4.42 -5.43 16.68
CA ASN A 46 -2.95 -5.51 16.90
C ASN A 46 -2.23 -5.84 15.58
N ASP A 47 -2.87 -5.57 14.45
CA ASP A 47 -2.30 -5.87 13.10
C ASP A 47 -1.68 -4.61 12.53
N GLY A 48 -1.68 -3.50 13.27
CA GLY A 48 -1.17 -2.22 12.74
C GLY A 48 -2.21 -1.51 11.87
N LYS A 49 -3.44 -2.02 11.85
CA LYS A 49 -4.61 -1.40 11.19
C LYS A 49 -5.62 -1.04 12.29
N LEU A 50 -6.17 0.18 12.26
CA LEU A 50 -7.21 0.57 13.23
C LEU A 50 -8.34 1.27 12.50
N ILE A 51 -9.58 0.90 12.81
CA ILE A 51 -10.78 1.60 12.33
C ILE A 51 -11.37 2.36 13.50
N TRP A 52 -11.64 3.64 13.30
CA TRP A 52 -12.17 4.52 14.35
C TRP A 52 -13.61 4.84 13.99
N LYS A 53 -14.56 4.46 14.84
CA LYS A 53 -15.99 4.85 14.68
C LYS A 53 -16.23 6.13 15.47
N ILE A 54 -16.33 7.26 14.78
CA ILE A 54 -16.63 8.56 15.44
C ILE A 54 -18.14 8.74 15.40
N GLU A 55 -18.73 9.01 16.56
CA GLU A 55 -20.21 9.06 16.71
C GLU A 55 -20.59 10.40 17.32
N ASP A 56 -21.87 10.79 17.15
CA ASP A 56 -22.40 12.07 17.66
C ASP A 56 -21.54 13.20 17.08
N PHE A 57 -21.38 13.17 15.76
CA PHE A 57 -20.51 14.09 15.00
C PHE A 57 -20.94 15.54 15.24
N ARG A 58 -22.21 15.88 15.01
CA ARG A 58 -22.60 17.30 15.04
C ARG A 58 -22.29 17.88 16.42
N ASN A 59 -22.68 17.19 17.50
CA ASN A 59 -22.40 17.68 18.88
C ASN A 59 -20.89 17.73 19.09
N LYS A 60 -20.18 16.70 18.64
CA LYS A 60 -18.70 16.64 18.72
C LYS A 60 -18.12 17.82 17.97
N ARG A 61 -18.68 18.15 16.80
CA ARG A 61 -18.23 19.30 15.97
C ARG A 61 -18.59 20.62 16.67
N GLU A 62 -19.85 20.79 17.12
CA GLU A 62 -20.23 22.08 17.76
C GLU A 62 -19.39 22.26 19.02
N SER A 63 -19.25 21.22 19.85
CA SER A 63 -18.42 21.25 21.09
C SER A 63 -16.97 21.61 20.76
N GLU A 64 -16.47 21.15 19.59
CA GLU A 64 -15.09 21.43 19.10
C GLU A 64 -14.93 22.92 18.83
N VAL A 65 -15.98 23.59 18.39
CA VAL A 65 -15.94 25.06 18.14
C VAL A 65 -15.66 25.75 19.48
N LYS A 66 -16.27 25.24 20.56
CA LYS A 66 -16.01 25.70 21.95
C LYS A 66 -14.62 25.22 22.40
N GLY A 67 -14.06 25.85 23.44
CA GLY A 67 -12.75 25.48 24.00
C GLY A 67 -12.71 24.02 24.42
N HIS A 68 -13.80 23.55 25.07
CA HIS A 68 -13.95 22.17 25.62
C HIS A 68 -13.90 21.11 24.50
N PRO A 69 -13.10 20.05 24.72
CA PRO A 69 -12.74 19.00 23.74
C PRO A 69 -12.01 19.61 22.54
N PRO A 70 -10.76 20.14 22.71
CA PRO A 70 -10.04 20.80 21.62
C PRO A 70 -9.73 19.88 20.43
N CYS A 71 -9.53 18.59 20.72
CA CYS A 71 -9.32 17.54 19.69
C CYS A 71 -9.87 16.21 20.21
N LEU A 72 -10.18 15.28 19.30
CA LEU A 72 -10.62 13.92 19.64
C LEU A 72 -9.41 12.99 19.56
N SER A 73 -9.46 11.86 20.26
CA SER A 73 -8.37 10.86 20.28
C SER A 73 -8.94 9.46 20.15
N SER A 74 -8.16 8.56 19.60
CA SER A 74 -8.59 7.15 19.43
C SER A 74 -8.19 6.36 20.68
N VAL A 75 -8.31 5.06 20.55
CA VAL A 75 -7.81 4.11 21.56
C VAL A 75 -6.42 3.75 21.06
N PRO A 76 -5.40 3.63 21.92
CA PRO A 76 -4.10 3.18 21.46
C PRO A 76 -4.14 1.87 20.67
N PHE A 77 -3.46 1.81 19.53
CA PHE A 77 -3.37 0.54 18.79
C PHE A 77 -1.91 0.20 18.53
N HIS A 78 -1.67 -1.07 18.20
CA HIS A 78 -0.30 -1.61 18.02
C HIS A 78 -0.08 -2.00 16.56
N THR A 79 1.14 -1.74 16.08
CA THR A 79 1.63 -2.13 14.74
C THR A 79 2.27 -3.50 14.86
N GLY A 80 1.46 -4.54 14.97
CA GLY A 80 1.95 -5.87 15.37
C GLY A 80 1.80 -6.04 16.88
N PRO A 81 1.74 -7.30 17.39
CA PRO A 81 1.39 -7.53 18.78
C PRO A 81 2.34 -6.88 19.80
N CYS A 82 3.65 -7.01 19.58
CA CYS A 82 4.67 -6.42 20.49
C CYS A 82 5.45 -5.35 19.74
N GLY A 83 4.81 -4.71 18.78
CA GLY A 83 5.41 -3.65 17.97
C GLY A 83 5.19 -2.29 18.60
N TYR A 84 5.40 -1.25 17.79
CA TYR A 84 5.22 0.17 18.21
C TYR A 84 3.76 0.36 18.60
N LYS A 85 3.51 1.22 19.57
CA LYS A 85 2.15 1.54 20.07
C LYS A 85 1.85 3.00 19.70
N MET A 86 0.67 3.28 19.16
CA MET A 86 0.34 4.67 18.77
C MET A 86 -1.16 4.89 18.80
N ALA A 87 -1.56 6.16 18.73
CA ALA A 87 -2.97 6.60 18.73
C ALA A 87 -3.18 7.64 17.64
N SER A 88 -4.42 7.86 17.25
CA SER A 88 -4.79 8.84 16.19
C SER A 88 -5.56 9.98 16.81
N LYS A 89 -5.28 11.20 16.36
CA LYS A 89 -5.97 12.42 16.85
C LYS A 89 -6.58 13.13 15.64
N VAL A 90 -7.89 13.38 15.69
CA VAL A 90 -8.64 14.13 14.64
C VAL A 90 -9.10 15.45 15.27
N TYR A 91 -8.81 16.59 14.63
CA TYR A 91 -9.16 17.91 15.21
C TYR A 91 -10.64 18.26 14.96
N LEU A 92 -11.20 17.90 13.80
CA LEU A 92 -12.64 18.03 13.42
C LEU A 92 -13.03 19.48 13.11
N ASN A 93 -12.16 20.45 13.40
CA ASN A 93 -12.33 21.86 12.96
C ASN A 93 -10.94 22.45 12.74
N GLY A 94 -9.97 21.57 12.44
CA GLY A 94 -8.61 21.92 12.02
C GLY A 94 -7.68 22.18 13.18
N ASP A 95 -6.39 22.23 12.86
CA ASP A 95 -5.27 22.61 13.76
C ASP A 95 -4.24 23.28 12.85
N GLY A 96 -3.51 24.27 13.36
CA GLY A 96 -2.42 24.89 12.59
C GLY A 96 -2.92 25.29 11.21
N GLU A 97 -2.28 24.78 10.16
CA GLU A 97 -2.48 25.22 8.74
C GLU A 97 -3.92 24.98 8.28
N GLY A 98 -4.58 23.92 8.77
CA GLY A 98 -5.95 23.60 8.31
C GLY A 98 -7.03 24.14 9.25
N ARG A 99 -6.64 24.79 10.35
CA ARG A 99 -7.61 25.18 11.40
C ARG A 99 -8.77 25.96 10.78
N GLY A 100 -10.00 25.59 11.15
CA GLY A 100 -11.24 26.32 10.83
C GLY A 100 -11.84 25.99 9.47
N THR A 101 -11.08 25.43 8.53
CA THR A 101 -11.63 25.14 7.16
C THR A 101 -11.42 23.70 6.75
N HIS A 102 -10.54 22.98 7.45
CA HIS A 102 -10.15 21.59 7.11
C HIS A 102 -10.35 20.71 8.35
N LEU A 103 -10.53 19.41 8.13
CA LEU A 103 -10.48 18.41 9.22
C LEU A 103 -9.03 17.94 9.25
N SER A 104 -8.38 17.96 10.40
CA SER A 104 -6.98 17.52 10.48
C SER A 104 -6.94 16.09 11.00
N LEU A 105 -6.07 15.27 10.43
CA LEU A 105 -5.93 13.88 10.88
C LEU A 105 -4.44 13.59 11.05
N TYR A 106 -4.02 13.26 12.26
CA TYR A 106 -2.62 12.87 12.52
C TYR A 106 -2.63 11.61 13.39
N VAL A 107 -1.45 11.01 13.54
CA VAL A 107 -1.24 9.84 14.43
C VAL A 107 -0.13 10.22 15.40
N VAL A 108 -0.34 9.92 16.68
CA VAL A 108 0.63 10.20 17.76
C VAL A 108 1.25 8.86 18.18
N LEU A 109 2.57 8.78 18.18
CA LEU A 109 3.28 7.63 18.78
C LEU A 109 3.15 7.75 20.29
N MET A 110 3.02 6.64 21.00
CA MET A 110 2.89 6.66 22.48
C MET A 110 3.97 5.79 23.07
N VAL A 111 4.26 5.94 24.35
CA VAL A 111 5.27 5.06 24.99
C VAL A 111 4.74 3.63 24.93
N GLY A 112 5.52 2.71 24.38
CA GLY A 112 5.10 1.31 24.20
C GLY A 112 5.75 0.42 25.23
N ASP A 113 5.15 -0.73 25.52
CA ASP A 113 5.75 -1.70 26.47
C ASP A 113 7.07 -2.21 25.92
N PHE A 114 7.18 -2.44 24.61
CA PHE A 114 8.35 -3.14 24.02
C PHE A 114 9.27 -2.20 23.26
N ASP A 115 9.28 -0.92 23.61
CA ASP A 115 10.11 0.10 22.91
C ASP A 115 11.59 -0.32 22.94
N ALA A 116 12.08 -0.88 24.05
CA ALA A 116 13.50 -1.28 24.18
C ALA A 116 13.88 -2.31 23.11
N LEU A 117 12.99 -3.24 22.79
CA LEU A 117 13.23 -4.24 21.72
C LEU A 117 13.32 -3.59 20.34
N LEU A 118 12.43 -2.63 20.09
CA LEU A 118 12.24 -2.01 18.74
C LEU A 118 13.38 -1.04 18.43
N PRO A 119 13.68 -0.83 17.13
CA PRO A 119 14.71 0.09 16.69
C PRO A 119 14.06 1.48 16.54
N TRP A 120 14.87 2.54 16.66
CA TRP A 120 14.38 3.94 16.48
C TRP A 120 15.36 4.74 15.63
N PRO A 121 14.88 5.61 14.72
CA PRO A 121 13.51 6.11 14.73
C PRO A 121 12.55 5.20 13.96
N PHE A 122 11.26 5.36 14.22
CA PHE A 122 10.16 4.66 13.51
C PHE A 122 10.31 4.90 12.00
N ARG A 123 10.38 3.85 11.19
CA ARG A 123 10.55 4.00 9.72
C ARG A 123 9.33 3.49 8.96
N GLN A 124 8.26 3.07 9.64
CA GLN A 124 7.09 2.37 9.03
C GLN A 124 6.18 3.39 8.34
N THR A 125 5.79 3.09 7.11
CA THR A 125 4.88 3.95 6.31
C THR A 125 3.52 3.98 7.02
N VAL A 126 2.83 5.10 6.96
CA VAL A 126 1.49 5.25 7.60
C VAL A 126 0.50 5.77 6.56
N ALA A 127 -0.69 5.17 6.50
CA ALA A 127 -1.76 5.58 5.58
C ALA A 127 -2.99 6.03 6.38
N LEU A 128 -3.42 7.28 6.20
CA LEU A 128 -4.58 7.86 6.94
C LEU A 128 -5.74 7.99 5.98
N SER A 129 -6.92 7.48 6.33
CA SER A 129 -8.08 7.61 5.41
C SER A 129 -9.38 7.84 6.19
N VAL A 130 -10.33 8.49 5.53
CA VAL A 130 -11.74 8.61 6.01
C VAL A 130 -12.59 7.76 5.09
N LEU A 131 -13.32 6.81 5.65
CA LEU A 131 -14.11 5.82 4.86
C LEU A 131 -15.35 6.48 4.28
N ASP A 132 -15.88 5.86 3.23
CA ASP A 132 -17.12 6.29 2.54
C ASP A 132 -18.23 5.29 2.86
N GLN A 133 -19.32 5.75 3.51
CA GLN A 133 -20.45 4.90 3.94
C GLN A 133 -21.29 4.42 2.74
N SER A 134 -21.20 5.09 1.59
CA SER A 134 -22.02 4.83 0.38
C SER A 134 -21.70 3.45 -0.21
N GLY A 135 -20.46 2.97 -0.06
CA GLY A 135 -20.01 1.68 -0.61
C GLY A 135 -19.39 1.85 -1.99
N ALA A 136 -19.37 3.07 -2.52
CA ALA A 136 -18.72 3.40 -3.81
C ALA A 136 -17.22 3.06 -3.73
N GLY A 137 -16.59 3.36 -2.59
CA GLY A 137 -15.15 3.10 -2.37
C GLY A 137 -14.31 4.33 -2.62
N ASN A 138 -14.92 5.47 -2.93
CA ASN A 138 -14.17 6.73 -3.18
C ASN A 138 -13.85 7.38 -1.84
N HIS A 139 -13.00 6.77 -1.04
CA HIS A 139 -12.56 7.36 0.26
C HIS A 139 -11.57 8.48 0.00
N GLN A 140 -11.32 9.31 1.00
CA GLN A 140 -10.13 10.20 0.97
C GLN A 140 -9.05 9.51 1.79
N SER A 141 -7.97 9.10 1.14
CA SER A 141 -6.86 8.35 1.78
C SER A 141 -5.56 9.05 1.41
N LEU A 142 -4.69 9.28 2.38
CA LEU A 142 -3.34 9.85 2.13
C LEU A 142 -2.33 9.08 2.97
N SER A 143 -1.08 8.99 2.51
CA SER A 143 -0.04 8.20 3.19
C SER A 143 1.30 8.92 3.09
N PHE A 144 2.21 8.67 4.03
CA PHE A 144 3.55 9.31 4.03
C PHE A 144 4.61 8.35 4.55
N LYS A 145 5.87 8.60 4.21
CA LYS A 145 7.02 7.82 4.73
C LYS A 145 7.73 8.68 5.78
N PRO A 146 7.90 8.18 7.02
CA PRO A 146 8.54 8.98 8.07
C PRO A 146 9.93 9.48 7.67
N ASP A 147 10.21 10.74 8.01
CA ASP A 147 11.55 11.36 7.81
C ASP A 147 12.35 11.16 9.09
N LEU A 148 13.59 10.69 8.97
CA LEU A 148 14.48 10.48 10.14
C LEU A 148 14.58 11.80 10.93
N THR A 149 14.72 12.93 10.21
CA THR A 149 14.94 14.28 10.77
C THR A 149 13.93 14.62 11.86
N SER A 150 12.65 14.25 11.66
CA SER A 150 11.53 14.67 12.55
C SER A 150 11.67 14.03 13.94
N LYS A 151 11.41 14.82 14.98
CA LYS A 151 11.56 14.41 16.40
C LYS A 151 10.33 13.61 16.82
N SER A 152 9.28 13.64 15.99
CA SER A 152 7.99 12.92 16.18
C SER A 152 8.19 11.40 16.14
N PHE A 153 9.18 10.92 15.37
CA PHE A 153 9.50 9.48 15.18
C PHE A 153 10.58 9.02 16.16
N GLN A 154 10.98 9.88 17.09
CA GLN A 154 11.93 9.52 18.17
C GLN A 154 11.18 8.67 19.20
N ARG A 155 11.89 7.82 19.94
CA ARG A 155 11.24 6.95 20.95
C ARG A 155 10.45 7.82 21.91
N PRO A 156 9.15 7.52 22.15
CA PRO A 156 8.30 8.33 23.01
C PRO A 156 8.76 8.26 24.47
N THR A 157 8.81 9.41 25.14
CA THR A 157 9.15 9.53 26.58
C THR A 157 8.05 10.30 27.31
N ASP A 158 7.04 10.77 26.57
CA ASP A 158 6.04 11.74 27.10
C ASP A 158 4.91 11.00 27.82
N GLU A 159 4.98 9.67 27.91
CA GLU A 159 4.06 8.86 28.75
C GLU A 159 2.62 9.21 28.38
N LYS A 160 1.88 9.88 29.27
CA LYS A 160 0.43 10.19 29.09
C LYS A 160 0.21 11.02 27.83
N ALA A 161 1.05 12.02 27.56
CA ALA A 161 0.83 12.93 26.41
C ALA A 161 1.06 12.18 25.09
N GLY A 162 2.14 11.39 25.01
CA GLY A 162 2.57 10.72 23.76
C GLY A 162 3.48 11.62 22.97
N ASN A 163 4.05 11.14 21.86
CA ASN A 163 5.01 11.95 21.06
C ASN A 163 4.26 12.98 20.22
N VAL A 164 5.02 13.94 19.69
CA VAL A 164 4.48 15.09 18.90
C VAL A 164 3.64 14.53 17.77
N ALA A 165 2.40 15.02 17.62
CA ALA A 165 1.47 14.54 16.59
C ALA A 165 2.08 14.84 15.23
N VAL A 166 1.94 13.91 14.30
CA VAL A 166 2.43 14.05 12.89
C VAL A 166 1.31 13.56 11.97
N GLY A 167 1.09 14.23 10.84
CA GLY A 167 0.01 13.86 9.93
C GLY A 167 -0.26 14.93 8.91
N PHE A 168 -1.52 15.06 8.48
CA PHE A 168 -1.95 16.08 7.50
C PHE A 168 -2.90 17.06 8.16
N SER A 169 -2.50 18.34 8.24
CA SER A 169 -3.35 19.42 8.81
C SER A 169 -4.56 19.60 7.90
N CYS A 170 -4.33 19.71 6.60
CA CYS A 170 -5.41 19.89 5.59
C CYS A 170 -5.81 18.53 5.03
N PHE A 171 -6.33 17.62 5.86
CA PHE A 171 -6.68 16.27 5.35
C PHE A 171 -7.79 16.43 4.32
N ILE A 172 -8.90 17.11 4.67
CA ILE A 172 -10.04 17.31 3.73
C ILE A 172 -10.70 18.67 4.00
N PRO A 173 -11.16 19.37 2.94
CA PRO A 173 -11.96 20.58 3.11
C PRO A 173 -13.28 20.23 3.83
N LEU A 174 -13.67 21.08 4.77
CA LEU A 174 -14.89 20.86 5.59
C LEU A 174 -16.13 20.82 4.70
N ILE A 175 -16.21 21.73 3.73
CA ILE A 175 -17.33 21.76 2.74
C ILE A 175 -17.42 20.40 2.05
N LYS A 176 -16.28 19.87 1.58
CA LYS A 176 -16.23 18.53 0.96
C LYS A 176 -16.65 17.50 2.01
N LEU A 177 -16.08 17.60 3.21
CA LEU A 177 -16.43 16.64 4.28
C LEU A 177 -17.95 16.67 4.51
N GLU A 178 -18.51 17.85 4.76
CA GLU A 178 -19.94 18.00 5.10
C GLU A 178 -20.78 17.45 3.95
N GLU A 179 -20.53 17.92 2.73
CA GLU A 179 -21.30 17.49 1.54
C GLU A 179 -20.38 17.47 0.33
N PRO A 180 -19.92 16.27 -0.13
CA PRO A 180 -19.14 16.10 -1.34
C PRO A 180 -20.02 15.44 -2.42
N GLN A 181 -19.67 15.60 -3.68
CA GLN A 181 -20.45 14.96 -4.78
C GLN A 181 -20.07 13.48 -4.81
N ASN A 182 -18.77 13.20 -4.78
CA ASN A 182 -18.17 11.85 -4.98
C ASN A 182 -18.67 10.80 -3.96
N ALA A 183 -18.84 11.14 -2.67
CA ALA A 183 -19.12 10.13 -1.61
C ALA A 183 -20.08 10.69 -0.54
N THR A 184 -20.19 9.99 0.60
CA THR A 184 -21.02 10.42 1.75
C THR A 184 -20.14 11.01 2.88
N TYR A 185 -19.23 10.19 3.42
CA TYR A 185 -18.29 10.50 4.54
C TYR A 185 -18.99 10.57 5.90
N VAL A 186 -20.05 11.35 6.10
CA VAL A 186 -20.80 11.30 7.41
C VAL A 186 -22.22 10.75 7.19
N LYS A 187 -22.52 9.54 7.68
CA LYS A 187 -23.85 8.90 7.50
C LYS A 187 -24.46 8.62 8.88
N GLU A 188 -25.73 8.98 9.06
CA GLU A 188 -26.44 8.78 10.35
C GLU A 188 -25.58 9.36 11.48
N ASP A 189 -25.05 10.57 11.28
CA ASP A 189 -24.29 11.38 12.28
C ASP A 189 -23.11 10.57 12.85
N THR A 190 -22.47 9.76 12.02
CA THR A 190 -21.30 8.94 12.41
C THR A 190 -20.27 8.96 11.28
N MET A 191 -18.99 8.99 11.63
CA MET A 191 -17.92 9.03 10.63
C MET A 191 -16.93 7.93 10.98
N PHE A 192 -16.22 7.39 10.01
CA PHE A 192 -15.23 6.33 10.27
C PHE A 192 -13.87 6.82 9.82
N VAL A 193 -12.83 6.55 10.61
CA VAL A 193 -11.43 6.94 10.31
C VAL A 193 -10.60 5.67 10.32
N LYS A 194 -9.79 5.43 9.28
CA LYS A 194 -8.96 4.21 9.22
C LYS A 194 -7.49 4.59 9.20
N VAL A 195 -6.68 3.84 9.94
CA VAL A 195 -5.21 4.01 9.91
C VAL A 195 -4.57 2.68 9.53
N LYS A 196 -3.72 2.69 8.51
CA LYS A 196 -2.99 1.49 8.02
C LYS A 196 -1.50 1.75 8.19
N VAL A 197 -0.80 0.82 8.85
CA VAL A 197 0.67 0.88 9.03
C VAL A 197 1.24 -0.46 8.60
N ASP A 198 2.35 -0.48 7.87
CA ASP A 198 3.02 -1.77 7.55
C ASP A 198 3.66 -2.30 8.84
N MET A 199 3.22 -3.48 9.32
CA MET A 199 3.63 -4.02 10.66
C MET A 199 5.09 -4.50 10.69
N VAL A 200 5.63 -5.06 9.59
CA VAL A 200 7.06 -5.51 9.54
C VAL A 200 7.52 -5.55 8.08
N GLY A 201 8.83 -5.40 7.85
CA GLY A 201 9.42 -5.37 6.50
C GLY A 201 10.09 -6.68 6.08
N LEU A 202 11.02 -7.22 6.88
CA LEU A 202 11.96 -8.32 6.48
C LEU A 202 12.49 -8.03 5.07
N GLU A 203 12.26 -8.87 4.08
CA GLU A 203 12.66 -8.57 2.68
C GLU A 203 11.48 -7.96 1.92
N GLN A 204 10.44 -7.50 2.62
CA GLN A 204 9.25 -6.86 1.99
C GLN A 204 8.71 -7.76 0.87
N SER B 1 16.52 -45.21 -68.10
CA SER B 1 15.33 -45.52 -67.22
C SER B 1 15.67 -46.57 -66.14
N ALA B 2 16.73 -47.38 -66.33
CA ALA B 2 17.32 -48.23 -65.28
C ALA B 2 18.17 -47.37 -64.33
N ALA B 3 18.79 -46.30 -64.87
CA ALA B 3 19.41 -45.19 -64.10
C ALA B 3 18.34 -44.18 -63.66
N GLU B 4 17.15 -44.24 -64.25
CA GLU B 4 15.99 -43.39 -63.88
C GLU B 4 15.54 -43.76 -62.45
N ALA B 5 15.40 -45.05 -62.18
CA ALA B 5 15.00 -45.57 -60.86
C ALA B 5 16.02 -45.10 -59.81
N LEU B 6 17.32 -45.13 -60.13
CA LEU B 6 18.38 -44.61 -59.24
C LEU B 6 18.22 -43.11 -59.03
N ARG B 7 17.87 -42.36 -60.08
CA ARG B 7 17.52 -40.92 -59.94
C ARG B 7 16.26 -40.76 -59.10
N GLU B 8 15.26 -41.64 -59.28
CA GLU B 8 14.03 -41.63 -58.46
C GLU B 8 14.36 -41.97 -57.01
N HIS B 9 15.25 -42.94 -56.76
CA HIS B 9 15.66 -43.37 -55.39
C HIS B 9 16.63 -42.35 -54.80
N LEU B 10 17.17 -41.46 -55.63
CA LEU B 10 18.05 -40.34 -55.22
C LEU B 10 17.18 -39.16 -54.79
N GLY B 11 16.14 -38.88 -55.58
CA GLY B 11 15.18 -37.82 -55.23
C GLY B 11 14.51 -38.14 -53.91
N THR B 12 14.12 -39.40 -53.72
CA THR B 12 13.48 -39.87 -52.47
C THR B 12 14.33 -39.47 -51.28
N LEU B 13 15.64 -39.74 -51.31
CA LEU B 13 16.51 -39.43 -50.15
C LEU B 13 16.47 -37.93 -49.92
N GLU B 14 16.49 -37.13 -50.97
CA GLU B 14 16.35 -35.67 -50.79
C GLU B 14 15.01 -35.36 -50.13
N GLU B 15 13.93 -35.99 -50.57
CA GLU B 15 12.61 -35.72 -49.93
C GLU B 15 12.70 -36.10 -48.46
N LYS B 16 13.11 -37.34 -48.19
CA LYS B 16 13.16 -37.89 -46.82
C LYS B 16 13.95 -36.96 -45.89
N MET B 17 15.14 -36.54 -46.31
CA MET B 17 15.97 -35.61 -45.51
C MET B 17 15.31 -34.25 -45.36
N LYS B 18 14.60 -33.76 -46.38
CA LYS B 18 13.85 -32.49 -46.24
C LYS B 18 12.79 -32.65 -45.14
N ARG B 19 12.13 -33.81 -45.08
CA ARG B 19 11.12 -34.12 -44.03
C ARG B 19 11.78 -34.00 -42.67
N HIS B 20 12.95 -34.61 -42.49
CA HIS B 20 13.67 -34.60 -41.19
C HIS B 20 14.01 -33.17 -40.81
N SER B 21 14.51 -32.40 -41.77
CA SER B 21 14.92 -31.00 -41.49
C SER B 21 13.71 -30.18 -41.05
N GLY B 22 12.55 -30.47 -41.60
CA GLY B 22 11.29 -29.80 -41.21
C GLY B 22 10.93 -30.12 -39.78
N LEU B 23 11.02 -31.39 -39.40
CA LEU B 23 10.68 -31.81 -38.01
C LEU B 23 11.64 -31.14 -37.03
N LEU B 24 12.93 -31.14 -37.32
CA LEU B 24 13.89 -30.50 -36.40
C LEU B 24 13.50 -29.03 -36.19
N ASP B 25 13.18 -28.29 -37.25
CA ASP B 25 12.85 -26.85 -37.07
C ASP B 25 11.56 -26.73 -36.25
N ILE B 26 10.59 -27.59 -36.51
CA ILE B 26 9.34 -27.64 -35.70
C ILE B 26 9.68 -27.93 -34.23
N HIS B 27 10.54 -28.91 -33.96
CA HIS B 27 10.95 -29.23 -32.57
C HIS B 27 11.75 -28.07 -32.00
N ALA B 28 12.50 -27.36 -32.83
CA ALA B 28 13.34 -26.24 -32.36
C ALA B 28 12.45 -25.13 -31.79
N THR B 29 11.42 -24.75 -32.51
CA THR B 29 10.50 -23.68 -32.04
C THR B 29 9.79 -24.16 -30.76
N GLN B 30 9.33 -25.41 -30.77
CA GLN B 30 8.60 -25.97 -29.61
C GLN B 30 9.53 -26.02 -28.40
N LEU B 31 10.78 -26.40 -28.61
CA LEU B 31 11.79 -26.45 -27.53
C LEU B 31 11.96 -25.03 -26.98
N ARG B 32 12.03 -24.04 -27.88
CA ARG B 32 12.21 -22.61 -27.55
C ARG B 32 11.02 -22.19 -26.69
N THR B 33 9.83 -22.54 -27.14
CA THR B 33 8.58 -22.20 -26.43
C THR B 33 8.61 -22.72 -24.99
N HIS B 34 9.06 -23.96 -24.76
CA HIS B 34 9.12 -24.52 -23.40
C HIS B 34 10.09 -23.71 -22.54
N SER B 35 11.24 -23.36 -23.07
CA SER B 35 12.25 -22.58 -22.34
C SER B 35 11.67 -21.27 -21.87
N GLU B 36 10.89 -20.62 -22.74
CA GLU B 36 10.17 -19.36 -22.42
C GLU B 36 9.17 -19.64 -21.30
N HIS B 37 8.40 -20.71 -21.45
CA HIS B 37 7.34 -21.10 -20.50
C HIS B 37 7.95 -21.53 -19.17
N LEU B 38 9.05 -22.28 -19.22
CA LEU B 38 9.73 -22.70 -17.98
C LEU B 38 10.23 -21.48 -17.21
N GLN B 39 10.85 -20.51 -17.90
CA GLN B 39 11.32 -19.25 -17.28
C GLN B 39 10.12 -18.51 -16.68
N GLU B 40 9.00 -18.48 -17.41
CA GLU B 40 7.78 -17.79 -16.91
C GLU B 40 7.31 -18.47 -15.61
N LEU B 41 7.30 -19.79 -15.57
CA LEU B 41 6.89 -20.48 -14.34
C LEU B 41 7.84 -20.07 -13.22
N GLU B 42 9.13 -20.09 -13.47
CA GLU B 42 10.12 -19.81 -12.41
C GLU B 42 10.13 -18.35 -12.00
N ALA B 43 9.83 -17.40 -12.88
CA ALA B 43 9.95 -15.96 -12.54
C ALA B 43 8.60 -15.32 -12.21
N THR B 44 7.51 -16.07 -12.29
CA THR B 44 6.13 -15.57 -12.03
C THR B 44 5.92 -15.47 -10.52
N SER B 45 4.82 -14.85 -10.11
CA SER B 45 4.40 -14.84 -8.70
C SER B 45 2.87 -14.69 -8.61
N ASN B 46 2.23 -15.53 -7.80
CA ASN B 46 0.76 -15.58 -7.69
C ASN B 46 0.26 -14.92 -6.41
N ASP B 47 1.08 -14.09 -5.76
CA ASP B 47 0.63 -13.40 -4.53
C ASP B 47 0.22 -11.99 -4.92
N GLY B 48 0.35 -11.63 -6.19
CA GLY B 48 0.05 -10.26 -6.67
C GLY B 48 1.27 -9.36 -6.64
N LYS B 49 2.37 -9.85 -6.06
CA LYS B 49 3.69 -9.17 -6.02
C LYS B 49 4.60 -9.77 -7.08
N LEU B 50 5.31 -8.94 -7.83
CA LEU B 50 6.32 -9.46 -8.78
C LEU B 50 7.59 -8.63 -8.62
N ILE B 51 8.70 -9.28 -8.35
CA ILE B 51 10.03 -8.60 -8.38
C ILE B 51 10.73 -9.02 -9.65
N TRP B 52 11.22 -8.03 -10.38
CA TRP B 52 11.78 -8.23 -11.72
C TRP B 52 13.26 -7.88 -11.68
N LYS B 53 14.11 -8.87 -11.90
CA LYS B 53 15.56 -8.57 -11.94
C LYS B 53 15.91 -8.30 -13.40
N ILE B 54 16.27 -7.08 -13.68
CA ILE B 54 16.78 -6.68 -15.03
C ILE B 54 18.30 -6.72 -14.92
N GLU B 55 18.96 -7.59 -15.67
CA GLU B 55 20.44 -7.72 -15.56
C GLU B 55 21.09 -7.32 -16.89
N ASP B 56 22.40 -7.09 -16.88
CA ASP B 56 23.14 -6.58 -18.06
C ASP B 56 22.40 -5.34 -18.55
N PHE B 57 22.25 -4.38 -17.64
CA PHE B 57 21.46 -3.15 -17.82
C PHE B 57 22.03 -2.28 -18.94
N ARG B 58 23.35 -2.08 -18.96
CA ARG B 58 23.94 -1.02 -19.81
C ARG B 58 23.71 -1.34 -21.29
N ASN B 59 23.87 -2.60 -21.70
CA ASN B 59 23.64 -2.93 -23.13
C ASN B 59 22.15 -2.76 -23.44
N LYS B 60 21.27 -3.19 -22.54
CA LYS B 60 19.80 -3.08 -22.78
C LYS B 60 19.40 -1.62 -22.94
N ARG B 61 19.93 -0.73 -22.10
CA ARG B 61 19.62 0.72 -22.24
C ARG B 61 20.17 1.18 -23.60
N GLU B 62 21.46 0.92 -23.85
CA GLU B 62 22.11 1.33 -25.12
C GLU B 62 21.30 0.76 -26.27
N SER B 63 21.08 -0.55 -26.26
CA SER B 63 20.36 -1.27 -27.34
C SER B 63 19.02 -0.58 -27.54
N GLU B 64 18.38 -0.17 -26.45
CA GLU B 64 17.04 0.46 -26.52
C GLU B 64 17.14 1.83 -27.19
N VAL B 65 18.10 2.67 -26.80
CA VAL B 65 18.13 4.08 -27.29
C VAL B 65 18.26 4.07 -28.81
N LYS B 66 18.82 2.99 -29.36
CA LYS B 66 18.96 2.81 -30.83
C LYS B 66 17.64 2.30 -31.43
N GLY B 67 16.67 1.91 -30.60
CA GLY B 67 15.41 1.32 -31.06
C GLY B 67 15.54 -0.17 -31.31
N HIS B 68 16.67 -0.77 -30.93
CA HIS B 68 16.94 -2.22 -31.09
C HIS B 68 15.79 -2.97 -30.44
N PRO B 69 15.56 -2.69 -29.16
CA PRO B 69 14.41 -3.20 -28.37
C PRO B 69 13.61 -2.00 -27.86
N PRO B 70 12.38 -1.76 -28.36
CA PRO B 70 11.65 -0.54 -28.01
C PRO B 70 11.35 -0.44 -26.51
N CYS B 71 11.12 -1.59 -25.87
CA CYS B 71 10.87 -1.67 -24.42
C CYS B 71 11.06 -3.12 -23.96
N LEU B 72 10.97 -3.33 -22.65
CA LEU B 72 11.07 -4.66 -22.03
C LEU B 72 9.74 -4.95 -21.36
N SER B 73 9.31 -6.21 -21.38
CA SER B 73 8.09 -6.67 -20.65
C SER B 73 8.55 -7.70 -19.63
N SER B 74 8.00 -7.64 -18.43
CA SER B 74 8.26 -8.64 -17.38
C SER B 74 7.53 -9.95 -17.70
N VAL B 75 7.87 -10.98 -16.99
CA VAL B 75 7.15 -12.27 -17.08
C VAL B 75 5.72 -12.00 -16.60
N PRO B 76 4.67 -12.68 -17.12
CA PRO B 76 3.31 -12.42 -16.65
C PRO B 76 3.25 -12.82 -15.18
N PHE B 77 2.39 -12.17 -14.40
CA PHE B 77 2.09 -12.62 -13.02
C PHE B 77 0.62 -12.44 -12.75
N HIS B 78 0.13 -13.04 -11.67
CA HIS B 78 -1.30 -13.03 -11.30
C HIS B 78 -1.47 -12.41 -9.93
N THR B 79 -2.52 -11.58 -9.80
CA THR B 79 -2.90 -10.90 -8.53
C THR B 79 -3.85 -11.82 -7.77
N GLY B 80 -3.30 -12.80 -7.07
CA GLY B 80 -4.09 -13.92 -6.54
C GLY B 80 -3.94 -15.12 -7.46
N PRO B 81 -4.18 -16.35 -6.99
CA PRO B 81 -3.89 -17.54 -7.77
C PRO B 81 -4.72 -17.56 -9.05
N CYS B 82 -6.02 -17.22 -8.93
CA CYS B 82 -6.96 -17.25 -10.07
C CYS B 82 -7.48 -15.84 -10.31
N GLY B 83 -6.62 -14.87 -10.02
CA GLY B 83 -6.97 -13.45 -10.13
C GLY B 83 -6.62 -12.93 -11.49
N TYR B 84 -6.45 -11.62 -11.61
CA TYR B 84 -6.11 -10.96 -12.88
C TYR B 84 -4.70 -11.35 -13.27
N LYS B 85 -4.44 -11.27 -14.58
CA LYS B 85 -3.10 -11.53 -15.15
C LYS B 85 -2.61 -10.20 -15.66
N MET B 86 -1.37 -9.84 -15.36
CA MET B 86 -0.84 -8.59 -15.91
C MET B 86 0.68 -8.66 -15.92
N ALA B 87 1.31 -7.82 -16.73
CA ALA B 87 2.77 -7.77 -16.83
C ALA B 87 3.20 -6.31 -16.68
N SER B 88 4.47 -6.05 -16.44
CA SER B 88 4.97 -4.66 -16.33
C SER B 88 5.88 -4.41 -17.50
N LYS B 89 5.66 -3.32 -18.24
CA LYS B 89 6.52 -2.93 -19.38
C LYS B 89 7.40 -1.78 -18.89
N VAL B 90 8.67 -1.76 -19.27
CA VAL B 90 9.63 -0.71 -18.85
C VAL B 90 10.39 -0.19 -20.06
N TYR B 91 10.49 1.13 -20.20
CA TYR B 91 11.31 1.78 -21.24
C TYR B 91 12.57 2.30 -20.56
N LEU B 92 13.70 1.70 -20.85
CA LEU B 92 14.97 2.05 -20.18
C LEU B 92 15.47 3.42 -20.62
N ASN B 93 15.11 3.90 -21.80
CA ASN B 93 15.44 5.31 -22.16
C ASN B 93 14.14 6.11 -22.27
N GLY B 94 13.09 5.65 -21.59
CA GLY B 94 11.85 6.41 -21.40
C GLY B 94 10.92 6.33 -22.59
N ASP B 95 9.71 6.85 -22.40
CA ASP B 95 8.62 6.87 -23.40
C ASP B 95 7.73 8.09 -23.09
N GLY B 96 6.94 8.53 -24.07
CA GLY B 96 5.94 9.60 -23.91
C GLY B 96 6.52 10.83 -23.24
N GLU B 97 5.80 11.41 -22.29
CA GLU B 97 6.16 12.69 -21.65
C GLU B 97 7.55 12.60 -21.01
N GLY B 98 7.90 11.45 -20.43
CA GLY B 98 9.28 11.21 -19.95
C GLY B 98 10.27 11.18 -21.11
N ARG B 99 9.88 10.52 -22.22
CA ARG B 99 10.67 10.50 -23.48
C ARG B 99 12.14 10.25 -23.13
N GLY B 100 13.09 10.99 -23.69
CA GLY B 100 14.52 10.76 -23.39
C GLY B 100 14.96 11.37 -22.07
N THR B 101 14.10 12.18 -21.46
CA THR B 101 14.41 12.83 -20.17
C THR B 101 14.49 11.75 -19.10
N HIS B 102 13.49 10.89 -18.97
CA HIS B 102 13.55 9.88 -17.89
C HIS B 102 12.77 8.60 -18.19
N LEU B 103 13.08 7.58 -17.37
CA LEU B 103 12.59 6.19 -17.43
C LEU B 103 11.11 6.16 -17.09
N SER B 104 10.39 5.26 -17.72
CA SER B 104 8.92 5.10 -17.58
C SER B 104 8.64 3.66 -17.20
N LEU B 105 7.83 3.41 -16.19
CA LEU B 105 7.47 2.05 -15.78
C LEU B 105 5.95 1.96 -15.76
N TYR B 106 5.40 1.01 -16.50
CA TYR B 106 3.94 0.78 -16.61
C TYR B 106 3.63 -0.65 -16.19
N VAL B 107 2.33 -0.95 -16.15
CA VAL B 107 1.80 -2.33 -16.00
C VAL B 107 0.73 -2.52 -17.08
N VAL B 108 0.76 -3.62 -17.79
CA VAL B 108 -0.26 -3.96 -18.82
C VAL B 108 -1.15 -5.07 -18.26
N LEU B 109 -2.46 -4.87 -18.27
CA LEU B 109 -3.41 -5.97 -17.97
C LEU B 109 -3.45 -6.90 -19.17
N MET B 110 -3.48 -8.20 -18.93
CA MET B 110 -3.44 -9.23 -19.99
C MET B 110 -4.69 -10.10 -19.93
N VAL B 111 -5.09 -10.70 -21.04
CA VAL B 111 -6.21 -11.69 -21.00
C VAL B 111 -5.79 -12.80 -20.04
N GLY B 112 -6.59 -13.06 -19.02
CA GLY B 112 -6.26 -14.09 -18.02
C GLY B 112 -7.11 -15.31 -18.23
N ASP B 113 -6.69 -16.46 -17.68
CA ASP B 113 -7.46 -17.71 -17.89
C ASP B 113 -8.80 -17.65 -17.15
N PHE B 114 -8.93 -16.86 -16.06
CA PHE B 114 -10.19 -16.81 -15.27
C PHE B 114 -10.85 -15.43 -15.27
N ASP B 115 -10.81 -14.71 -16.39
CA ASP B 115 -11.38 -13.34 -16.48
C ASP B 115 -12.87 -13.32 -16.13
N ALA B 116 -13.70 -14.21 -16.67
CA ALA B 116 -15.18 -14.13 -16.52
C ALA B 116 -15.58 -14.18 -15.04
N LEU B 117 -14.83 -14.86 -14.19
CA LEU B 117 -15.15 -14.94 -12.74
C LEU B 117 -14.77 -13.62 -12.06
N LEU B 118 -13.80 -12.93 -12.63
CA LEU B 118 -13.30 -11.66 -12.09
C LEU B 118 -14.23 -10.53 -12.50
N PRO B 119 -14.40 -9.52 -11.63
CA PRO B 119 -15.28 -8.41 -11.89
C PRO B 119 -14.51 -7.38 -12.72
N TRP B 120 -15.20 -6.72 -13.64
CA TRP B 120 -14.58 -5.67 -14.47
C TRP B 120 -15.37 -4.39 -14.29
N PRO B 121 -14.70 -3.22 -14.26
CA PRO B 121 -13.29 -3.11 -14.59
C PRO B 121 -12.38 -3.43 -13.39
N PHE B 122 -11.07 -3.26 -13.58
CA PHE B 122 -10.03 -3.48 -12.55
C PHE B 122 -9.90 -2.21 -11.70
N ARG B 123 -10.12 -2.32 -10.39
CA ARG B 123 -10.12 -1.17 -9.44
C ARG B 123 -8.90 -1.18 -8.53
N GLN B 124 -8.23 -2.31 -8.42
CA GLN B 124 -7.11 -2.52 -7.45
C GLN B 124 -6.04 -1.45 -7.61
N THR B 125 -5.55 -0.93 -6.51
CA THR B 125 -4.46 0.06 -6.48
C THR B 125 -3.19 -0.64 -6.88
N VAL B 126 -2.34 0.02 -7.65
CA VAL B 126 -1.10 -0.63 -8.13
C VAL B 126 0.05 0.25 -7.70
N ALA B 127 1.09 -0.38 -7.16
CA ALA B 127 2.29 0.38 -6.73
C ALA B 127 3.50 -0.23 -7.42
N LEU B 128 4.11 0.52 -8.33
CA LEU B 128 5.38 0.12 -8.97
C LEU B 128 6.49 0.88 -8.27
N SER B 129 7.64 0.27 -8.07
CA SER B 129 8.80 0.97 -7.47
C SER B 129 10.10 0.36 -7.94
N VAL B 130 11.18 1.12 -7.88
CA VAL B 130 12.52 0.62 -8.26
C VAL B 130 13.29 0.41 -6.96
N LEU B 131 13.70 -0.82 -6.68
CA LEU B 131 14.28 -1.13 -5.36
C LEU B 131 15.65 -0.48 -5.22
N ASP B 132 16.03 -0.30 -3.97
CA ASP B 132 17.30 0.28 -3.52
C ASP B 132 18.26 -0.85 -3.17
N GLN B 133 19.40 -0.95 -3.82
CA GLN B 133 20.32 -2.06 -3.50
C GLN B 133 21.21 -1.67 -2.32
N SER B 134 21.27 -0.39 -1.96
CA SER B 134 22.13 0.07 -0.84
C SER B 134 21.71 -0.64 0.44
N GLY B 135 20.39 -0.74 0.68
CA GLY B 135 19.79 -1.30 1.90
C GLY B 135 19.25 -0.20 2.80
N ALA B 136 19.49 1.06 2.41
CA ALA B 136 19.01 2.26 3.13
C ALA B 136 17.49 2.23 3.22
N GLY B 137 16.81 1.78 2.16
CA GLY B 137 15.35 1.71 2.12
C GLY B 137 14.74 2.88 1.38
N ASN B 138 15.55 3.67 0.67
CA ASN B 138 15.06 4.83 -0.11
C ASN B 138 14.60 4.34 -1.49
N HIS B 139 13.56 3.53 -1.53
CA HIS B 139 13.02 3.08 -2.84
C HIS B 139 12.35 4.27 -3.51
N GLN B 140 12.40 4.30 -4.83
CA GLN B 140 11.55 5.22 -5.60
C GLN B 140 10.23 4.49 -5.80
N SER B 141 9.14 4.95 -5.19
CA SER B 141 7.85 4.25 -5.31
C SER B 141 6.71 5.22 -5.49
N LEU B 142 5.94 5.02 -6.54
CA LEU B 142 4.70 5.79 -6.78
C LEU B 142 3.58 4.77 -6.97
N SER B 143 2.39 5.09 -6.49
CA SER B 143 1.21 4.21 -6.66
C SER B 143 0.09 5.02 -7.28
N PHE B 144 -0.82 4.34 -7.97
CA PHE B 144 -1.96 5.00 -8.64
C PHE B 144 -3.19 4.16 -8.42
N LYS B 145 -4.33 4.82 -8.28
CA LYS B 145 -5.67 4.16 -8.25
C LYS B 145 -6.21 4.21 -9.67
N PRO B 146 -6.66 3.07 -10.23
CA PRO B 146 -7.16 3.07 -11.60
C PRO B 146 -8.30 4.06 -11.78
N ASP B 147 -8.23 4.78 -12.89
CA ASP B 147 -9.26 5.74 -13.35
C ASP B 147 -10.24 4.98 -14.21
N LEU B 148 -11.52 4.89 -13.82
CA LEU B 148 -12.52 4.04 -14.53
C LEU B 148 -12.86 4.60 -15.91
N THR B 149 -12.63 5.90 -16.16
CA THR B 149 -12.85 6.49 -17.51
C THR B 149 -12.00 5.69 -18.50
N SER B 150 -10.72 5.54 -18.18
CA SER B 150 -9.70 4.91 -19.06
C SER B 150 -10.18 3.55 -19.55
N LYS B 151 -9.91 3.24 -20.82
CA LYS B 151 -10.30 1.97 -21.49
C LYS B 151 -9.14 0.97 -21.42
N SER B 152 -8.09 1.30 -20.66
CA SER B 152 -6.93 0.41 -20.43
C SER B 152 -7.18 -0.49 -19.22
N PHE B 153 -8.31 -0.33 -18.55
CA PHE B 153 -8.72 -1.18 -17.39
C PHE B 153 -9.90 -2.08 -17.76
N GLN B 154 -10.39 -1.97 -18.99
CA GLN B 154 -11.57 -2.75 -19.43
C GLN B 154 -11.11 -4.21 -19.63
N ARG B 155 -12.04 -5.14 -19.73
CA ARG B 155 -11.65 -6.57 -19.83
C ARG B 155 -10.73 -6.73 -21.05
N PRO B 156 -9.50 -7.23 -20.88
CA PRO B 156 -8.62 -7.52 -22.00
C PRO B 156 -9.22 -8.51 -23.00
N THR B 157 -9.04 -8.16 -24.26
CA THR B 157 -9.52 -8.91 -25.45
C THR B 157 -8.30 -9.40 -26.21
N ASP B 158 -7.41 -8.49 -26.58
CA ASP B 158 -6.21 -8.81 -27.38
C ASP B 158 -5.30 -9.75 -26.60
N GLU B 159 -5.00 -10.92 -27.17
CA GLU B 159 -4.25 -11.96 -26.42
C GLU B 159 -2.75 -11.91 -26.70
N LYS B 160 -2.28 -11.14 -27.67
CA LYS B 160 -0.82 -11.09 -27.95
C LYS B 160 -0.20 -10.17 -26.90
N ALA B 161 -0.48 -8.87 -27.04
CA ALA B 161 -0.12 -7.79 -26.09
C ALA B 161 -1.44 -7.17 -25.66
N GLY B 162 -1.68 -7.01 -24.37
CA GLY B 162 -3.06 -6.78 -23.92
C GLY B 162 -3.42 -5.32 -23.94
N ASN B 163 -4.05 -4.86 -22.84
CA ASN B 163 -4.62 -3.50 -22.72
C ASN B 163 -3.51 -2.47 -22.78
N VAL B 164 -3.89 -1.24 -23.08
CA VAL B 164 -3.01 -0.04 -23.13
C VAL B 164 -2.20 0.01 -21.83
N ALA B 165 -0.89 0.21 -21.92
CA ALA B 165 -0.06 0.25 -20.70
C ALA B 165 -0.55 1.43 -19.86
N VAL B 166 -0.69 1.20 -18.55
CA VAL B 166 -1.08 2.23 -17.55
C VAL B 166 0.06 2.34 -16.55
N GLY B 167 0.51 3.53 -16.22
CA GLY B 167 1.66 3.63 -15.31
C GLY B 167 2.17 5.04 -15.27
N PHE B 168 3.42 5.22 -14.87
CA PHE B 168 4.04 6.55 -14.84
C PHE B 168 5.08 6.66 -15.95
N SER B 169 4.80 7.54 -16.91
CA SER B 169 5.75 7.94 -17.98
C SER B 169 6.89 8.72 -17.33
N CYS B 170 6.53 9.63 -16.41
CA CYS B 170 7.50 10.47 -15.65
C CYS B 170 7.84 9.76 -14.34
N PHE B 171 8.51 8.61 -14.39
CA PHE B 171 8.72 7.83 -13.16
C PHE B 171 9.97 8.33 -12.42
N ILE B 172 11.16 8.03 -12.94
CA ILE B 172 12.41 8.40 -12.25
C ILE B 172 13.35 9.07 -13.27
N PRO B 173 13.89 10.26 -12.96
CA PRO B 173 14.92 10.89 -13.78
C PRO B 173 16.15 10.01 -14.02
N LEU B 174 16.55 9.87 -15.29
CA LEU B 174 17.67 8.99 -15.67
C LEU B 174 18.91 9.36 -14.86
N ILE B 175 19.15 10.64 -14.65
CA ILE B 175 20.30 11.12 -13.83
C ILE B 175 20.13 10.55 -12.43
N LYS B 176 18.91 10.63 -11.88
CA LYS B 176 18.66 10.12 -10.51
C LYS B 176 18.98 8.64 -10.48
N LEU B 177 18.56 7.89 -11.49
CA LEU B 177 18.80 6.43 -11.52
C LEU B 177 20.30 6.14 -11.53
N GLU B 178 21.04 6.79 -12.42
CA GLU B 178 22.49 6.52 -12.60
C GLU B 178 23.30 7.09 -11.43
N GLU B 179 23.03 8.33 -11.02
CA GLU B 179 23.80 8.97 -9.92
C GLU B 179 22.83 9.40 -8.81
N PRO B 180 22.28 8.45 -8.02
CA PRO B 180 21.41 8.79 -6.90
C PRO B 180 22.29 9.23 -5.73
N GLN B 181 21.82 10.18 -4.91
CA GLN B 181 22.60 10.70 -3.75
C GLN B 181 22.18 9.95 -2.48
N ASN B 182 20.87 9.87 -2.26
CA ASN B 182 20.27 9.19 -1.08
C ASN B 182 20.79 7.75 -0.99
N ALA B 183 20.70 6.97 -2.06
CA ALA B 183 21.14 5.54 -2.10
C ALA B 183 21.10 4.97 -3.52
N THR B 184 21.68 3.79 -3.72
CA THR B 184 22.03 3.19 -5.03
C THR B 184 20.93 2.27 -5.57
N TYR B 185 20.49 2.48 -6.81
CA TYR B 185 19.40 1.71 -7.47
C TYR B 185 19.91 0.80 -8.57
N VAL B 186 21.12 1.02 -9.04
CA VAL B 186 21.72 0.15 -10.10
C VAL B 186 23.07 -0.35 -9.59
N LYS B 187 23.24 -1.66 -9.51
CA LYS B 187 24.50 -2.22 -9.00
C LYS B 187 24.93 -3.34 -9.95
N GLU B 188 26.21 -3.36 -10.29
CA GLU B 188 26.79 -4.46 -11.09
C GLU B 188 25.93 -4.65 -12.34
N ASP B 189 25.62 -3.56 -13.04
CA ASP B 189 24.96 -3.63 -14.37
C ASP B 189 23.67 -4.46 -14.24
N THR B 190 22.92 -4.24 -13.17
CA THR B 190 21.64 -4.94 -12.91
C THR B 190 20.74 -4.06 -12.04
N MET B 191 19.45 -3.96 -12.35
CA MET B 191 18.54 -3.14 -11.54
C MET B 191 17.29 -3.97 -11.28
N PHE B 192 16.63 -3.73 -10.17
CA PHE B 192 15.41 -4.50 -9.81
C PHE B 192 14.19 -3.59 -9.81
N VAL B 193 13.05 -4.17 -10.17
CA VAL B 193 11.72 -3.52 -10.28
C VAL B 193 10.75 -4.33 -9.44
N LYS B 194 9.85 -3.70 -8.70
CA LYS B 194 8.84 -4.42 -7.89
C LYS B 194 7.44 -3.87 -8.21
N VAL B 195 6.48 -4.76 -8.39
CA VAL B 195 5.07 -4.37 -8.64
C VAL B 195 4.23 -5.08 -7.59
N LYS B 196 3.45 -4.33 -6.83
CA LYS B 196 2.56 -4.87 -5.78
C LYS B 196 1.16 -4.31 -6.02
N VAL B 197 0.17 -5.19 -6.04
CA VAL B 197 -1.25 -4.83 -6.24
C VAL B 197 -2.04 -5.09 -4.97
N ASP B 198 -2.83 -4.12 -4.55
CA ASP B 198 -3.61 -4.23 -3.30
C ASP B 198 -4.75 -5.24 -3.53
N MET B 199 -5.20 -5.89 -2.43
CA MET B 199 -6.17 -7.01 -2.48
C MET B 199 -7.49 -6.66 -1.80
N VAL B 200 -8.54 -7.36 -2.25
CA VAL B 200 -9.97 -7.20 -1.86
C VAL B 200 -10.15 -7.60 -0.39
N GLY B 201 -11.01 -6.86 0.31
CA GLY B 201 -11.27 -7.03 1.75
C GLY B 201 -12.75 -6.88 2.04
N LEU B 202 -13.15 -7.23 3.26
CA LEU B 202 -14.58 -7.25 3.64
C LEU B 202 -15.14 -5.81 3.54
N GLU B 203 -14.43 -4.80 4.05
CA GLU B 203 -14.97 -3.41 4.18
C GLU B 203 -14.84 -2.62 2.87
N GLN B 204 -15.00 -1.29 2.95
CA GLN B 204 -14.87 -0.34 1.82
C GLN B 204 -15.88 -0.72 0.73
N LEU B 205 -15.41 -0.98 -0.48
CA LEU B 205 -16.28 -1.33 -1.64
C LEU B 205 -17.14 -2.52 -1.26
N LEU B 206 -18.43 -2.48 -1.62
CA LEU B 206 -19.38 -3.60 -1.46
C LEU B 206 -19.35 -4.47 -2.73
N GLU B 207 -18.23 -5.19 -2.92
CA GLU B 207 -17.97 -6.04 -4.11
C GLU B 207 -17.75 -7.49 -3.64
#